data_5TRW
#
_entry.id   5TRW
#
_cell.length_a   58.870
_cell.length_b   58.870
_cell.length_c   175.770
_cell.angle_alpha   90.000
_cell.angle_beta   90.000
_cell.angle_gamma   90.000
#
_symmetry.space_group_name_H-M   'P 41 21 2'
#
loop_
_entity.id
_entity.type
_entity.pdbx_description
1 polymer 'Pyridoxal kinase PdxY'
2 non-polymer 'NITRATE ION'
3 non-polymer '2-[N-CYCLOHEXYLAMINO]ETHANE SULFONIC ACID'
4 non-polymer 'SULFATE ION'
5 non-polymer 'CHLORIDE ION'
6 non-polymer 1,2-ETHANEDIOL
7 water water
#
_entity_poly.entity_id   1
_entity_poly.type   'polypeptide(L)'
_entity_poly.pdbx_seq_one_letter_code
;MAHHHHHHMTKNVLSIQSHVVFGHAGNSAAVFPMRRLGVNVWPLNTVQFSNHTQYGHWTGGAIDATQMVELVDGIGAIGM
LPRCDAVLSGYLGTPEQAQSVLEIVKAVKAANPRAWYFCDPVMGAVSGCKVEPGIQEFLVRTMPGVADAMAPNHTELQRL
VGREIETLEEAVTACRELIARGPKLVLVKHLLDRNSPADRFNMLVVTEREAWMGQRPLYPFARQPVGVGDLTSAVFVART
LLGDSIRAAFEHTLAAVNAVVKATWQAGRYELELVAAQSEIAQPREWFDAWVGDTA
;
_entity_poly.pdbx_strand_id   A
#
loop_
_chem_comp.id
_chem_comp.type
_chem_comp.name
_chem_comp.formula
CL non-polymer 'CHLORIDE ION' 'Cl -1'
EDO non-polymer 1,2-ETHANEDIOL 'C2 H6 O2'
NHE non-polymer '2-[N-CYCLOHEXYLAMINO]ETHANE SULFONIC ACID' 'C8 H17 N O3 S'
NO3 non-polymer 'NITRATE ION' 'N O3 -1'
SO4 non-polymer 'SULFATE ION' 'O4 S -2'
#
# COMPACT_ATOMS: atom_id res chain seq x y z
N MET A 9 -9.88 -18.86 -11.84
CA MET A 9 -10.40 -17.50 -11.86
C MET A 9 -9.42 -16.52 -11.22
N THR A 10 -9.05 -15.51 -11.99
CA THR A 10 -8.08 -14.51 -11.58
C THR A 10 -8.76 -13.40 -10.78
N LYS A 11 -8.13 -13.00 -9.68
CA LYS A 11 -8.69 -11.95 -8.84
C LYS A 11 -8.41 -10.59 -9.48
N ASN A 12 -9.20 -9.58 -9.09
CA ASN A 12 -9.13 -8.22 -9.68
C ASN A 12 -9.02 -7.17 -8.59
N VAL A 13 -8.04 -6.27 -8.71
CA VAL A 13 -7.86 -5.12 -7.80
CA VAL A 13 -7.94 -5.14 -7.80
C VAL A 13 -8.10 -3.85 -8.59
N LEU A 14 -8.95 -2.96 -8.09
CA LEU A 14 -9.07 -1.61 -8.63
C LEU A 14 -8.07 -0.74 -7.86
N SER A 15 -7.02 -0.27 -8.55
CA SER A 15 -5.94 0.47 -7.91
C SER A 15 -6.01 1.95 -8.33
N ILE A 16 -6.29 2.82 -7.36
CA ILE A 16 -6.61 4.21 -7.61
C ILE A 16 -5.44 5.05 -7.10
N GLN A 17 -4.49 5.36 -7.98
CA GLN A 17 -3.24 6.01 -7.60
C GLN A 17 -2.71 6.84 -8.75
N SER A 18 -1.63 7.58 -8.47
CA SER A 18 -0.97 8.40 -9.48
CA SER A 18 -0.98 8.39 -9.48
C SER A 18 -0.30 7.54 -10.55
N HIS A 19 -0.19 8.09 -11.77
CA HIS A 19 0.59 7.49 -12.83
C HIS A 19 1.75 8.43 -13.17
N VAL A 20 2.96 7.87 -13.30
CA VAL A 20 4.11 8.62 -13.82
C VAL A 20 4.60 7.90 -15.08
N VAL A 21 4.88 8.68 -16.12
CA VAL A 21 5.31 8.11 -17.39
C VAL A 21 6.68 7.48 -17.25
N PHE A 22 7.65 8.26 -16.76
CA PHE A 22 8.98 7.74 -16.44
C PHE A 22 9.03 7.31 -14.98
N GLY A 23 9.66 6.14 -14.72
CA GLY A 23 9.94 5.75 -13.35
C GLY A 23 8.76 5.11 -12.63
N HIS A 24 8.90 5.00 -11.31
CA HIS A 24 7.96 4.21 -10.50
C HIS A 24 7.50 4.99 -9.29
N ALA A 25 6.20 5.16 -9.17
CA ALA A 25 5.52 5.78 -8.05
C ALA A 25 4.03 5.54 -8.26
N GLY A 26 3.30 5.40 -7.16
CA GLY A 26 1.85 5.19 -7.30
C GLY A 26 1.56 3.95 -8.12
N ASN A 27 0.65 4.08 -9.10
CA ASN A 27 0.32 2.94 -9.95
C ASN A 27 1.51 2.49 -10.78
N SER A 28 2.47 3.38 -11.07
CA SER A 28 3.65 2.94 -11.80
C SER A 28 4.56 2.07 -10.95
N ALA A 29 4.40 2.09 -9.62
CA ALA A 29 5.10 1.18 -8.72
C ALA A 29 4.25 -0.02 -8.34
N ALA A 30 2.92 0.09 -8.36
CA ALA A 30 2.05 -0.92 -7.78
C ALA A 30 1.47 -1.90 -8.79
N VAL A 31 1.17 -1.45 -10.00
CA VAL A 31 0.41 -2.28 -10.94
C VAL A 31 1.24 -3.48 -11.38
N PHE A 32 2.45 -3.23 -11.88
CA PHE A 32 3.24 -4.35 -12.40
C PHE A 32 3.51 -5.42 -11.36
N PRO A 33 3.89 -5.10 -10.12
CA PRO A 33 4.15 -6.18 -9.16
C PRO A 33 2.92 -7.03 -8.87
N MET A 34 1.74 -6.43 -8.77
CA MET A 34 0.53 -7.22 -8.53
C MET A 34 0.23 -8.13 -9.72
N ARG A 35 0.35 -7.61 -10.95
CA ARG A 35 0.17 -8.44 -12.13
C ARG A 35 1.21 -9.56 -12.19
N ARG A 36 2.46 -9.24 -11.87
CA ARG A 36 3.53 -10.23 -11.91
C ARG A 36 3.30 -11.36 -10.91
N LEU A 37 2.56 -11.07 -9.84
CA LEU A 37 2.19 -12.06 -8.85
C LEU A 37 0.98 -12.87 -9.23
N GLY A 38 0.26 -12.49 -10.27
CA GLY A 38 -0.86 -13.25 -10.77
C GLY A 38 -2.24 -12.68 -10.48
N VAL A 39 -2.35 -11.39 -10.16
CA VAL A 39 -3.66 -10.78 -9.96
CA VAL A 39 -3.62 -10.72 -9.90
C VAL A 39 -3.86 -9.69 -11.00
N ASN A 40 -5.08 -9.61 -11.51
CA ASN A 40 -5.38 -8.54 -12.45
C ASN A 40 -5.50 -7.22 -11.72
N VAL A 41 -5.13 -6.14 -12.42
CA VAL A 41 -5.20 -4.80 -11.86
C VAL A 41 -5.92 -3.89 -12.83
N TRP A 42 -6.94 -3.17 -12.33
CA TRP A 42 -7.62 -2.12 -13.07
C TRP A 42 -7.03 -0.80 -12.61
N PRO A 43 -6.11 -0.18 -13.38
CA PRO A 43 -5.46 1.05 -12.86
C PRO A 43 -6.29 2.28 -13.17
N LEU A 44 -6.79 2.93 -12.13
CA LEU A 44 -7.48 4.20 -12.26
C LEU A 44 -6.43 5.24 -11.90
N ASN A 45 -5.93 5.94 -12.92
CA ASN A 45 -4.82 6.89 -12.74
C ASN A 45 -5.39 8.24 -12.35
N THR A 46 -5.08 8.67 -11.12
CA THR A 46 -5.63 9.92 -10.62
C THR A 46 -4.93 11.13 -11.23
N VAL A 47 -3.67 10.96 -11.63
CA VAL A 47 -2.90 11.97 -12.33
C VAL A 47 -2.05 11.24 -13.36
N GLN A 48 -1.57 11.98 -14.36
CA GLN A 48 -0.51 11.49 -15.23
C GLN A 48 0.55 12.57 -15.26
N PHE A 49 1.68 12.30 -14.61
CA PHE A 49 2.82 13.21 -14.59
C PHE A 49 3.98 12.59 -15.37
N SER A 50 4.90 13.44 -15.80
CA SER A 50 6.08 12.96 -16.51
C SER A 50 6.95 12.05 -15.65
N ASN A 51 7.03 12.33 -14.36
CA ASN A 51 7.94 11.64 -13.45
C ASN A 51 7.47 11.97 -12.04
N HIS A 52 8.05 11.30 -11.05
CA HIS A 52 7.57 11.54 -9.70
C HIS A 52 8.10 12.88 -9.16
N THR A 53 7.45 13.34 -8.09
CA THR A 53 7.66 14.71 -7.65
C THR A 53 8.96 14.91 -6.89
N GLN A 54 9.67 13.85 -6.53
CA GLN A 54 10.90 14.04 -5.78
CA GLN A 54 10.89 14.08 -5.76
C GLN A 54 12.09 14.44 -6.64
N TYR A 55 11.94 14.41 -7.99
CA TYR A 55 12.90 15.06 -8.86
C TYR A 55 12.83 16.57 -8.75
N GLY A 56 11.74 17.11 -8.20
CA GLY A 56 11.60 18.53 -7.99
C GLY A 56 10.90 19.29 -9.11
N HIS A 57 10.74 18.68 -10.28
CA HIS A 57 9.96 19.31 -11.34
C HIS A 57 9.35 18.21 -12.18
N TRP A 58 8.19 18.51 -12.75
CA TRP A 58 7.45 17.52 -13.53
C TRP A 58 6.43 18.28 -14.38
N THR A 59 5.92 17.59 -15.39
CA THR A 59 4.83 18.12 -16.20
C THR A 59 3.66 17.15 -16.13
N GLY A 60 2.52 17.56 -16.65
CA GLY A 60 1.36 16.70 -16.66
C GLY A 60 0.18 17.29 -15.92
N GLY A 61 -0.77 16.45 -15.50
CA GLY A 61 -1.93 17.01 -14.82
C GLY A 61 -2.74 15.92 -14.14
N ALA A 62 -3.64 16.37 -13.28
CA ALA A 62 -4.56 15.51 -12.55
C ALA A 62 -5.92 15.47 -13.25
N ILE A 63 -6.62 14.35 -13.12
CA ILE A 63 -8.04 14.34 -13.52
C ILE A 63 -8.87 14.88 -12.37
N ASP A 64 -10.08 15.33 -12.65
CA ASP A 64 -10.78 15.88 -11.50
C ASP A 64 -11.53 14.78 -10.77
N ALA A 65 -11.96 15.11 -9.55
CA ALA A 65 -12.51 14.11 -8.64
C ALA A 65 -13.75 13.46 -9.24
N THR A 66 -14.58 14.24 -9.93
CA THR A 66 -15.79 13.66 -10.50
C THR A 66 -15.45 12.68 -11.62
N GLN A 67 -14.39 12.97 -12.39
CA GLN A 67 -13.95 12.06 -13.46
C GLN A 67 -13.51 10.71 -12.93
N MET A 68 -12.93 10.67 -11.71
CA MET A 68 -12.60 9.40 -11.08
C MET A 68 -13.84 8.53 -10.93
N VAL A 69 -14.91 9.11 -10.39
CA VAL A 69 -16.11 8.33 -10.17
C VAL A 69 -16.73 7.95 -11.50
N GLU A 70 -16.67 8.85 -12.49
CA GLU A 70 -17.24 8.55 -13.80
C GLU A 70 -16.55 7.37 -14.46
N LEU A 71 -15.25 7.20 -14.23
CA LEU A 71 -14.59 6.02 -14.78
C LEU A 71 -15.17 4.74 -14.20
N VAL A 72 -15.41 4.74 -12.88
CA VAL A 72 -15.99 3.56 -12.25
C VAL A 72 -17.44 3.36 -12.70
N ASP A 73 -18.17 4.45 -12.93
CA ASP A 73 -19.52 4.34 -13.52
C ASP A 73 -19.46 3.58 -14.83
N GLY A 74 -18.44 3.87 -15.66
CA GLY A 74 -18.32 3.18 -16.93
C GLY A 74 -18.09 1.69 -16.77
N ILE A 75 -17.24 1.32 -15.81
CA ILE A 75 -17.02 -0.09 -15.53
C ILE A 75 -18.32 -0.74 -15.06
N GLY A 76 -19.08 -0.04 -14.23
CA GLY A 76 -20.37 -0.56 -13.82
C GLY A 76 -21.33 -0.74 -14.98
N ALA A 77 -21.28 0.17 -15.96
CA ALA A 77 -22.24 0.12 -17.06
C ALA A 77 -22.02 -1.06 -18.00
N ILE A 78 -20.81 -1.62 -18.04
CA ILE A 78 -20.56 -2.84 -18.80
C ILE A 78 -20.61 -4.09 -17.91
N GLY A 79 -21.10 -3.95 -16.68
CA GLY A 79 -21.45 -5.10 -15.86
C GLY A 79 -20.31 -5.72 -15.09
N MET A 80 -19.18 -5.03 -14.96
CA MET A 80 -17.97 -5.64 -14.42
C MET A 80 -17.72 -5.37 -12.94
N LEU A 81 -18.42 -4.43 -12.31
CA LEU A 81 -18.06 -4.10 -10.94
CA LEU A 81 -18.07 -4.10 -10.94
C LEU A 81 -18.19 -5.27 -9.97
N PRO A 82 -19.11 -6.22 -10.14
CA PRO A 82 -19.13 -7.38 -9.22
C PRO A 82 -17.85 -8.20 -9.27
N ARG A 83 -17.01 -8.02 -10.28
CA ARG A 83 -15.75 -8.75 -10.38
C ARG A 83 -14.63 -8.12 -9.57
N CYS A 84 -14.85 -6.95 -8.99
CA CYS A 84 -13.80 -6.28 -8.25
C CYS A 84 -13.67 -6.92 -6.88
N ASP A 85 -12.49 -7.49 -6.59
CA ASP A 85 -12.27 -8.17 -5.32
C ASP A 85 -11.68 -7.27 -4.25
N ALA A 86 -10.96 -6.21 -4.65
CA ALA A 86 -10.42 -5.29 -3.68
C ALA A 86 -10.21 -3.94 -4.35
N VAL A 87 -10.25 -2.90 -3.52
CA VAL A 87 -9.89 -1.55 -3.92
C VAL A 87 -8.64 -1.15 -3.15
N LEU A 88 -7.68 -0.56 -3.84
CA LEU A 88 -6.43 -0.11 -3.24
C LEU A 88 -6.24 1.37 -3.54
N SER A 89 -5.99 2.17 -2.52
CA SER A 89 -5.62 3.56 -2.74
CA SER A 89 -5.62 3.56 -2.74
C SER A 89 -4.32 3.84 -2.00
N GLY A 90 -3.60 4.85 -2.48
CA GLY A 90 -2.38 5.28 -1.81
C GLY A 90 -2.37 6.79 -1.69
N TYR A 91 -1.34 7.43 -2.27
CA TYR A 91 -1.24 8.87 -2.15
C TYR A 91 -2.34 9.56 -2.93
N LEU A 92 -3.06 10.46 -2.26
CA LEU A 92 -4.08 11.30 -2.86
C LEU A 92 -3.75 12.73 -2.49
N GLY A 93 -3.77 13.63 -3.49
CA GLY A 93 -3.37 14.99 -3.22
C GLY A 93 -4.44 15.90 -2.64
N THR A 94 -5.71 15.59 -2.83
CA THR A 94 -6.76 16.50 -2.38
C THR A 94 -7.86 15.74 -1.67
N PRO A 95 -8.56 16.39 -0.74
CA PRO A 95 -9.69 15.72 -0.08
C PRO A 95 -10.80 15.37 -1.06
N GLU A 96 -10.93 16.13 -2.15
CA GLU A 96 -11.92 15.82 -3.18
C GLU A 96 -11.63 14.47 -3.84
N GLN A 97 -10.36 14.18 -4.13
CA GLN A 97 -10.02 12.85 -4.65
C GLN A 97 -10.28 11.78 -3.61
N ALA A 98 -10.01 12.07 -2.33
CA ALA A 98 -10.28 11.06 -1.29
C ALA A 98 -11.78 10.79 -1.17
N GLN A 99 -12.61 11.83 -1.29
CA GLN A 99 -14.06 11.64 -1.28
C GLN A 99 -14.51 10.76 -2.43
N SER A 100 -13.92 10.95 -3.61
CA SER A 100 -14.25 10.07 -4.74
C SER A 100 -13.89 8.63 -4.45
N VAL A 101 -12.75 8.38 -3.80
CA VAL A 101 -12.39 7.01 -3.42
C VAL A 101 -13.48 6.42 -2.52
N LEU A 102 -13.95 7.20 -1.53
CA LEU A 102 -15.03 6.75 -0.67
C LEU A 102 -16.25 6.36 -1.47
N GLU A 103 -16.67 7.23 -2.41
CA GLU A 103 -17.83 6.95 -3.24
CA GLU A 103 -17.83 6.95 -3.24
C GLU A 103 -17.61 5.68 -4.06
N ILE A 104 -16.40 5.51 -4.60
CA ILE A 104 -16.08 4.34 -5.41
C ILE A 104 -16.13 3.07 -4.58
N VAL A 105 -15.56 3.09 -3.37
CA VAL A 105 -15.59 1.90 -2.52
C VAL A 105 -17.03 1.51 -2.21
N LYS A 106 -17.89 2.49 -1.89
CA LYS A 106 -19.30 2.18 -1.65
C LYS A 106 -19.94 1.51 -2.86
N ALA A 107 -19.64 2.01 -4.06
CA ALA A 107 -20.22 1.40 -5.26
C ALA A 107 -19.70 -0.02 -5.46
N VAL A 108 -18.41 -0.22 -5.23
CA VAL A 108 -17.84 -1.55 -5.40
C VAL A 108 -18.47 -2.53 -4.44
N LYS A 109 -18.63 -2.12 -3.17
CA LYS A 109 -19.17 -3.06 -2.19
C LYS A 109 -20.65 -3.33 -2.43
N ALA A 110 -21.35 -2.39 -3.04
CA ALA A 110 -22.75 -2.65 -3.40
C ALA A 110 -22.83 -3.71 -4.49
N ALA A 111 -21.91 -3.67 -5.44
CA ALA A 111 -21.85 -4.66 -6.52
C ALA A 111 -21.29 -5.99 -6.03
N ASN A 112 -20.36 -5.97 -5.10
CA ASN A 112 -19.74 -7.18 -4.54
C ASN A 112 -19.54 -6.99 -3.05
N PRO A 113 -20.47 -7.46 -2.22
CA PRO A 113 -20.32 -7.31 -0.76
C PRO A 113 -19.08 -7.97 -0.18
N ARG A 114 -18.42 -8.87 -0.90
CA ARG A 114 -17.19 -9.48 -0.39
C ARG A 114 -15.95 -8.62 -0.65
N ALA A 115 -16.07 -7.56 -1.45
CA ALA A 115 -14.91 -6.75 -1.76
C ALA A 115 -14.39 -6.00 -0.53
N TRP A 116 -13.09 -5.79 -0.48
CA TRP A 116 -12.52 -5.06 0.64
C TRP A 116 -11.64 -3.92 0.14
N TYR A 117 -11.50 -2.90 1.00
CA TYR A 117 -10.78 -1.68 0.69
C TYR A 117 -9.51 -1.63 1.53
N PHE A 118 -8.37 -1.56 0.85
CA PHE A 118 -7.04 -1.46 1.48
C PHE A 118 -6.57 -0.03 1.25
N CYS A 119 -6.53 0.75 2.34
CA CYS A 119 -6.14 2.16 2.29
C CYS A 119 -4.71 2.30 2.76
N ASP A 120 -3.82 2.73 1.87
CA ASP A 120 -2.47 3.11 2.27
C ASP A 120 -2.53 4.61 2.52
N PRO A 121 -2.51 5.07 3.78
CA PRO A 121 -2.89 6.46 4.11
C PRO A 121 -1.70 7.42 4.03
N VAL A 122 -1.19 7.59 2.81
CA VAL A 122 0.02 8.38 2.60
C VAL A 122 -0.26 9.83 2.94
N MET A 123 0.49 10.37 3.90
CA MET A 123 0.28 11.74 4.36
C MET A 123 1.43 12.69 4.01
N GLU A 132 -1.88 19.78 0.86
CA GLU A 132 -3.17 20.46 0.74
C GLU A 132 -3.94 20.35 2.05
N PRO A 133 -4.60 21.44 2.44
CA PRO A 133 -5.47 21.39 3.63
C PRO A 133 -6.56 20.35 3.50
N GLY A 134 -6.68 19.49 4.50
CA GLY A 134 -7.79 18.56 4.64
C GLY A 134 -7.47 17.12 4.36
N ILE A 135 -6.29 16.80 3.81
CA ILE A 135 -6.06 15.41 3.40
C ILE A 135 -5.55 14.55 4.57
N GLN A 136 -4.63 15.07 5.40
CA GLN A 136 -4.32 14.36 6.63
C GLN A 136 -5.59 14.19 7.46
N GLU A 137 -6.38 15.26 7.59
CA GLU A 137 -7.60 15.20 8.37
C GLU A 137 -8.55 14.14 7.84
N PHE A 138 -8.71 14.07 6.51
CA PHE A 138 -9.60 13.06 5.92
C PHE A 138 -9.13 11.65 6.25
N LEU A 139 -7.83 11.38 6.08
CA LEU A 139 -7.32 10.05 6.31
C LEU A 139 -7.44 9.65 7.77
N VAL A 140 -7.32 10.60 8.68
CA VAL A 140 -7.35 10.30 10.11
C VAL A 140 -8.77 10.16 10.60
N ARG A 141 -9.66 11.05 10.13
CA ARG A 141 -10.99 11.16 10.72
C ARG A 141 -12.02 10.30 9.99
N THR A 142 -11.87 10.15 8.69
CA THR A 142 -12.91 9.55 7.86
C THR A 142 -12.54 8.19 7.30
N MET A 143 -11.30 7.99 6.81
CA MET A 143 -10.97 6.73 6.15
CA MET A 143 -11.04 6.73 6.14
C MET A 143 -11.07 5.52 7.07
N PRO A 144 -10.70 5.60 8.36
CA PRO A 144 -10.76 4.38 9.18
C PRO A 144 -12.15 3.77 9.22
N GLY A 145 -13.19 4.59 9.10
CA GLY A 145 -14.55 4.07 9.16
C GLY A 145 -14.96 3.27 7.94
N VAL A 146 -14.22 3.36 6.83
CA VAL A 146 -14.58 2.65 5.61
C VAL A 146 -13.50 1.68 5.15
N ALA A 147 -12.29 1.75 5.68
CA ALA A 147 -11.22 0.88 5.22
C ALA A 147 -11.26 -0.45 5.94
N ASP A 148 -11.11 -1.55 5.20
CA ASP A 148 -10.99 -2.85 5.82
C ASP A 148 -9.56 -3.12 6.27
N ALA A 149 -8.59 -2.45 5.66
CA ALA A 149 -7.20 -2.57 6.06
C ALA A 149 -6.55 -1.22 5.82
N MET A 150 -5.61 -0.86 6.69
CA MET A 150 -4.82 0.34 6.46
C MET A 150 -3.34 0.00 6.59
N ALA A 151 -2.51 0.71 5.82
CA ALA A 151 -1.07 0.46 5.79
C ALA A 151 -0.25 1.72 6.11
N PRO A 152 -0.41 2.28 7.29
CA PRO A 152 0.38 3.47 7.64
C PRO A 152 1.86 3.13 7.81
N ASN A 153 2.73 4.09 7.51
CA ASN A 153 4.07 3.98 8.06
C ASN A 153 4.05 4.46 9.52
N HIS A 154 5.23 4.48 10.15
CA HIS A 154 5.29 4.79 11.57
C HIS A 154 4.70 6.17 11.88
N THR A 155 5.06 7.18 11.09
CA THR A 155 4.57 8.50 11.43
C THR A 155 3.09 8.64 11.13
N GLU A 156 2.59 7.95 10.09
CA GLU A 156 1.16 7.95 9.81
C GLU A 156 0.39 7.24 10.92
N LEU A 157 0.95 6.16 11.48
CA LEU A 157 0.29 5.50 12.59
C LEU A 157 0.19 6.41 13.80
N GLN A 158 1.26 7.17 14.10
CA GLN A 158 1.22 8.12 15.19
C GLN A 158 0.12 9.16 14.99
N ARG A 159 -0.07 9.61 13.75
CA ARG A 159 -1.14 10.57 13.46
CA ARG A 159 -1.14 10.57 13.48
C ARG A 159 -2.51 9.93 13.60
N LEU A 160 -2.63 8.65 13.24
CA LEU A 160 -3.93 7.98 13.30
C LEU A 160 -4.40 7.78 14.72
N VAL A 161 -3.50 7.67 15.70
CA VAL A 161 -3.88 7.52 17.10
C VAL A 161 -3.59 8.75 17.92
N GLY A 162 -2.93 9.75 17.34
CA GLY A 162 -2.72 11.00 18.04
C GLY A 162 -1.68 10.97 19.13
N ARG A 163 -0.67 10.10 19.01
CA ARG A 163 0.41 10.13 20.00
C ARG A 163 1.68 9.49 19.45
N GLU A 164 2.78 9.75 20.15
CA GLU A 164 4.06 9.17 19.80
C GLU A 164 4.10 7.70 20.16
N ILE A 165 4.82 6.94 19.35
CA ILE A 165 4.98 5.50 19.49
C ILE A 165 6.46 5.19 19.35
N GLU A 166 7.05 4.59 20.39
CA GLU A 166 8.46 4.21 20.32
C GLU A 166 8.75 2.76 20.70
N THR A 167 7.85 2.05 21.40
CA THR A 167 8.05 0.65 21.76
C THR A 167 7.18 -0.25 20.88
N LEU A 168 7.48 -1.54 20.91
CA LEU A 168 6.65 -2.48 20.15
C LEU A 168 5.27 -2.60 20.78
N GLU A 169 5.22 -2.66 22.11
CA GLU A 169 3.94 -2.68 22.81
C GLU A 169 3.10 -1.48 22.44
N GLU A 170 3.70 -0.28 22.44
CA GLU A 170 2.94 0.90 22.02
C GLU A 170 2.45 0.77 20.58
N ALA A 171 3.27 0.18 19.69
CA ALA A 171 2.83 0.02 18.31
C ALA A 171 1.66 -0.93 18.20
N VAL A 172 1.72 -2.06 18.90
CA VAL A 172 0.62 -3.03 18.84
C VAL A 172 -0.64 -2.42 19.44
N THR A 173 -0.51 -1.78 20.61
CA THR A 173 -1.66 -1.12 21.22
C THR A 173 -2.29 -0.09 20.28
N ALA A 174 -1.45 0.70 19.59
CA ALA A 174 -1.97 1.69 18.67
C ALA A 174 -2.72 1.04 17.52
N CYS A 175 -2.14 -0.01 16.93
CA CYS A 175 -2.83 -0.73 15.86
C CYS A 175 -4.17 -1.25 16.33
N ARG A 176 -4.23 -1.80 17.55
CA ARG A 176 -5.50 -2.34 18.02
C ARG A 176 -6.51 -1.24 18.31
N GLU A 177 -6.04 -0.06 18.75
CA GLU A 177 -6.95 1.07 18.88
C GLU A 177 -7.53 1.48 17.53
N LEU A 178 -6.70 1.51 16.49
CA LEU A 178 -7.20 1.82 15.16
C LEU A 178 -8.17 0.74 14.67
N ILE A 179 -7.86 -0.53 14.93
CA ILE A 179 -8.77 -1.62 14.55
C ILE A 179 -10.14 -1.44 15.19
N ALA A 180 -10.17 -0.93 16.43
CA ALA A 180 -11.46 -0.74 17.08
C ALA A 180 -12.34 0.28 16.36
N ARG A 181 -11.76 1.12 15.51
CA ARG A 181 -12.52 2.10 14.75
CA ARG A 181 -12.48 2.11 14.73
C ARG A 181 -13.07 1.55 13.44
N GLY A 182 -12.67 0.35 13.03
CA GLY A 182 -13.19 -0.20 11.81
C GLY A 182 -12.29 -1.18 11.07
N PRO A 183 -11.06 -0.77 10.73
CA PRO A 183 -10.19 -1.67 9.95
C PRO A 183 -9.96 -2.98 10.69
N LYS A 184 -9.86 -4.07 9.93
CA LYS A 184 -9.59 -5.38 10.51
C LYS A 184 -8.10 -5.71 10.54
N LEU A 185 -7.28 -4.94 9.83
CA LEU A 185 -5.87 -5.24 9.68
C LEU A 185 -5.10 -3.93 9.55
N VAL A 186 -3.97 -3.84 10.25
CA VAL A 186 -3.08 -2.68 10.12
C VAL A 186 -1.71 -3.21 9.74
N LEU A 187 -1.20 -2.79 8.57
CA LEU A 187 0.14 -3.11 8.13
C LEU A 187 1.02 -1.88 8.36
N VAL A 188 1.93 -1.94 9.34
CA VAL A 188 2.85 -0.82 9.53
C VAL A 188 3.99 -1.01 8.55
N LYS A 189 3.97 -0.26 7.44
CA LYS A 189 4.84 -0.61 6.34
C LYS A 189 6.29 -0.26 6.63
N HIS A 190 6.54 0.61 7.61
CA HIS A 190 7.88 0.83 8.14
C HIS A 190 7.69 1.20 9.60
N LEU A 191 8.16 0.32 10.48
CA LEU A 191 8.09 0.53 11.92
C LEU A 191 9.44 1.00 12.45
N LEU A 192 9.44 2.12 13.19
CA LEU A 192 10.65 2.59 13.82
C LEU A 192 10.73 1.95 15.19
N ASP A 193 11.86 1.31 15.47
CA ASP A 193 12.08 0.63 16.73
C ASP A 193 13.38 1.16 17.31
N ARG A 194 13.27 1.97 18.37
CA ARG A 194 14.43 2.60 18.96
C ARG A 194 15.45 1.60 19.46
N ASN A 195 15.02 0.37 19.72
CA ASN A 195 15.91 -0.68 20.21
C ASN A 195 16.52 -1.51 19.09
N SER A 196 16.14 -1.27 17.86
CA SER A 196 16.65 -2.05 16.75
C SER A 196 17.86 -1.37 16.14
N PRO A 197 18.84 -2.15 15.66
CA PRO A 197 20.00 -1.55 14.99
C PRO A 197 19.59 -0.69 13.81
N ALA A 198 20.38 0.36 13.58
CA ALA A 198 20.02 1.36 12.59
C ALA A 198 20.09 0.85 11.15
N ASP A 199 20.72 -0.30 10.90
CA ASP A 199 20.79 -0.89 9.57
C ASP A 199 19.77 -1.99 9.36
N ARG A 200 18.70 -2.00 10.17
CA ARG A 200 17.58 -2.90 9.99
C ARG A 200 16.34 -2.10 9.64
N PHE A 201 15.49 -2.68 8.80
CA PHE A 201 14.22 -2.11 8.40
C PHE A 201 13.13 -3.01 8.95
N ASN A 202 12.34 -2.50 9.88
CA ASN A 202 11.31 -3.28 10.55
C ASN A 202 9.92 -3.01 9.97
N MET A 203 9.07 -4.05 10.01
CA MET A 203 7.65 -3.95 9.67
C MET A 203 6.83 -4.66 10.74
N LEU A 204 5.53 -4.38 10.76
CA LEU A 204 4.62 -4.98 11.75
C LEU A 204 3.26 -5.14 11.10
N VAL A 205 2.58 -6.25 11.37
CA VAL A 205 1.19 -6.39 10.94
C VAL A 205 0.36 -6.87 12.12
N VAL A 206 -0.81 -6.26 12.31
CA VAL A 206 -1.65 -6.53 13.47
C VAL A 206 -3.10 -6.70 13.04
N THR A 207 -3.76 -7.69 13.60
CA THR A 207 -5.20 -7.86 13.54
C THR A 207 -5.71 -8.02 14.96
N GLU A 208 -7.01 -8.27 15.11
CA GLU A 208 -7.55 -8.50 16.45
C GLU A 208 -6.84 -9.65 17.14
N ARG A 209 -6.54 -10.72 16.40
CA ARG A 209 -6.03 -11.94 17.00
C ARG A 209 -4.52 -12.15 16.81
N GLU A 210 -3.89 -11.44 15.88
CA GLU A 210 -2.51 -11.73 15.50
C GLU A 210 -1.66 -10.48 15.52
N ALA A 211 -0.36 -10.68 15.79
CA ALA A 211 0.61 -9.60 15.59
C ALA A 211 1.92 -10.24 15.16
N TRP A 212 2.49 -9.75 14.05
CA TRP A 212 3.73 -10.29 13.52
C TRP A 212 4.70 -9.17 13.25
N MET A 213 5.91 -9.32 13.79
CA MET A 213 7.01 -8.42 13.48
CA MET A 213 7.05 -8.45 13.54
C MET A 213 7.94 -9.08 12.47
N GLY A 214 8.58 -8.23 11.65
CA GLY A 214 9.56 -8.74 10.70
C GLY A 214 10.63 -7.69 10.45
N GLN A 215 11.76 -8.15 9.92
CA GLN A 215 12.92 -7.28 9.75
C GLN A 215 13.72 -7.72 8.52
N ARG A 216 14.14 -6.76 7.73
CA ARG A 216 15.08 -6.97 6.62
C ARG A 216 16.22 -5.99 6.75
N PRO A 217 17.30 -6.19 5.99
CA PRO A 217 18.37 -5.18 5.97
C PRO A 217 17.85 -3.84 5.46
N LEU A 218 18.39 -2.76 6.02
CA LEU A 218 18.16 -1.42 5.50
C LEU A 218 19.31 -1.09 4.56
N TYR A 219 18.98 -0.81 3.29
CA TYR A 219 20.01 -0.44 2.32
C TYR A 219 20.16 1.08 2.29
N PRO A 220 21.41 1.53 2.28
CA PRO A 220 21.70 2.97 2.37
C PRO A 220 21.59 3.64 1.00
N PHE A 221 20.90 4.78 0.95
CA PHE A 221 20.76 5.57 -0.26
C PHE A 221 20.97 7.04 0.07
N ALA A 222 21.58 7.77 -0.88
CA ALA A 222 21.71 9.22 -0.71
C ALA A 222 20.34 9.88 -0.64
N ARG A 223 19.40 9.41 -1.48
CA ARG A 223 18.02 9.89 -1.50
C ARG A 223 17.13 8.66 -1.58
N GLN A 224 16.13 8.60 -0.73
CA GLN A 224 15.31 7.40 -0.64
C GLN A 224 14.56 7.14 -1.94
N PRO A 225 14.67 5.95 -2.53
CA PRO A 225 13.84 5.61 -3.70
C PRO A 225 12.36 5.83 -3.41
N VAL A 226 11.67 6.34 -4.40
CA VAL A 226 10.24 6.52 -4.32
C VAL A 226 9.54 5.21 -4.67
N GLY A 227 8.41 4.96 -4.03
CA GLY A 227 7.57 3.84 -4.39
C GLY A 227 7.71 2.61 -3.53
N VAL A 228 8.57 2.64 -2.50
CA VAL A 228 8.78 1.45 -1.68
C VAL A 228 7.50 1.13 -0.90
N GLY A 229 6.85 2.17 -0.37
CA GLY A 229 5.58 1.95 0.32
C GLY A 229 4.51 1.47 -0.62
N ASP A 230 4.46 2.03 -1.84
CA ASP A 230 3.48 1.59 -2.82
C ASP A 230 3.69 0.13 -3.20
N LEU A 231 4.96 -0.27 -3.38
CA LEU A 231 5.28 -1.67 -3.63
C LEU A 231 4.87 -2.56 -2.47
N THR A 232 5.14 -2.12 -1.24
CA THR A 232 4.80 -2.89 -0.04
C THR A 232 3.30 -3.18 0.00
N SER A 233 2.48 -2.13 -0.14
CA SER A 233 1.04 -2.33 -0.09
C SER A 233 0.59 -3.22 -1.23
N ALA A 234 1.18 -3.05 -2.41
CA ALA A 234 0.74 -3.81 -3.57
C ALA A 234 1.01 -5.30 -3.38
N VAL A 235 2.21 -5.65 -2.93
CA VAL A 235 2.52 -7.07 -2.75
C VAL A 235 1.62 -7.67 -1.68
N PHE A 236 1.38 -6.92 -0.59
CA PHE A 236 0.54 -7.47 0.47
C PHE A 236 -0.88 -7.71 -0.01
N VAL A 237 -1.43 -6.76 -0.77
CA VAL A 237 -2.78 -6.93 -1.33
C VAL A 237 -2.82 -8.15 -2.25
N ALA A 238 -1.84 -8.28 -3.16
CA ALA A 238 -1.88 -9.37 -4.12
C ALA A 238 -1.76 -10.72 -3.42
N ARG A 239 -0.82 -10.85 -2.47
CA ARG A 239 -0.66 -12.13 -1.78
C ARG A 239 -1.88 -12.47 -0.95
N THR A 240 -2.52 -11.47 -0.34
CA THR A 240 -3.77 -11.72 0.37
C THR A 240 -4.85 -12.24 -0.57
N LEU A 241 -4.99 -11.61 -1.75
CA LEU A 241 -6.00 -12.08 -2.70
C LEU A 241 -5.69 -13.48 -3.20
N LEU A 242 -4.41 -13.84 -3.28
CA LEU A 242 -3.98 -15.18 -3.67
C LEU A 242 -4.16 -16.21 -2.56
N GLY A 243 -4.65 -15.80 -1.40
CA GLY A 243 -5.03 -16.71 -0.35
C GLY A 243 -4.03 -16.87 0.78
N ASP A 244 -2.98 -16.07 0.82
CA ASP A 244 -2.00 -16.20 1.89
C ASP A 244 -2.60 -15.86 3.25
N SER A 245 -2.14 -16.56 4.27
CA SER A 245 -2.40 -16.14 5.64
C SER A 245 -1.79 -14.77 5.90
N ILE A 246 -2.15 -14.19 7.03
CA ILE A 246 -1.56 -12.90 7.44
CA ILE A 246 -1.57 -12.90 7.42
C ILE A 246 -0.05 -13.00 7.46
N ARG A 247 0.47 -14.00 8.18
CA ARG A 247 1.92 -14.13 8.30
C ARG A 247 2.57 -14.41 6.96
N ALA A 248 1.94 -15.24 6.13
CA ALA A 248 2.54 -15.59 4.84
C ALA A 248 2.57 -14.39 3.91
N ALA A 249 1.48 -13.61 3.88
CA ALA A 249 1.46 -12.42 3.05
C ALA A 249 2.48 -11.40 3.52
N PHE A 250 2.61 -11.30 4.85
CA PHE A 250 3.55 -10.35 5.45
C PHE A 250 4.98 -10.73 5.11
N GLU A 251 5.32 -12.02 5.26
CA GLU A 251 6.67 -12.47 4.97
C GLU A 251 6.97 -12.33 3.49
N HIS A 252 6.02 -12.66 2.61
CA HIS A 252 6.29 -12.50 1.18
C HIS A 252 6.50 -11.03 0.84
N THR A 253 5.71 -10.15 1.44
CA THR A 253 5.88 -8.72 1.22
C THR A 253 7.28 -8.27 1.66
N LEU A 254 7.67 -8.64 2.89
CA LEU A 254 8.99 -8.28 3.39
C LEU A 254 10.08 -8.77 2.44
N ALA A 255 9.98 -10.02 1.99
CA ALA A 255 11.03 -10.60 1.17
C ALA A 255 11.05 -10.01 -0.24
N ALA A 256 9.86 -9.74 -0.81
CA ALA A 256 9.80 -9.15 -2.13
C ALA A 256 10.33 -7.72 -2.12
N VAL A 257 9.94 -6.92 -1.13
CA VAL A 257 10.46 -5.56 -1.05
C VAL A 257 11.97 -5.62 -0.83
N ASN A 258 12.45 -6.51 0.04
CA ASN A 258 13.89 -6.67 0.20
C ASN A 258 14.56 -6.91 -1.14
N ALA A 259 14.01 -7.82 -1.95
CA ALA A 259 14.64 -8.17 -3.22
C ALA A 259 14.73 -6.97 -4.15
N VAL A 260 13.65 -6.19 -4.25
CA VAL A 260 13.64 -5.06 -5.16
C VAL A 260 14.57 -3.96 -4.67
N VAL A 261 14.51 -3.65 -3.37
CA VAL A 261 15.36 -2.56 -2.85
C VAL A 261 16.82 -2.98 -2.90
N LYS A 262 17.12 -4.23 -2.56
CA LYS A 262 18.49 -4.71 -2.67
CA LYS A 262 18.50 -4.72 -2.67
C LYS A 262 19.02 -4.58 -4.09
N ALA A 263 18.20 -4.97 -5.08
CA ALA A 263 18.65 -4.88 -6.46
C ALA A 263 18.86 -3.43 -6.87
N THR A 264 18.00 -2.53 -6.38
CA THR A 264 18.18 -1.11 -6.62
C THR A 264 19.48 -0.61 -6.00
N TRP A 265 19.74 -1.00 -4.75
CA TRP A 265 20.98 -0.60 -4.10
C TRP A 265 22.20 -1.17 -4.81
N GLN A 266 22.16 -2.46 -5.20
CA GLN A 266 23.32 -3.12 -5.79
C GLN A 266 23.72 -2.47 -7.10
N ALA A 267 22.75 -2.00 -7.87
CA ALA A 267 22.98 -1.33 -9.15
C ALA A 267 23.26 0.15 -8.98
N GLY A 268 23.26 0.64 -7.74
CA GLY A 268 23.52 2.05 -7.50
C GLY A 268 22.46 2.96 -8.08
N ARG A 269 21.21 2.50 -8.11
CA ARG A 269 20.12 3.22 -8.75
C ARG A 269 19.28 3.99 -7.73
N TYR A 270 18.40 4.84 -8.29
CA TYR A 270 17.42 5.65 -7.57
C TYR A 270 16.01 5.15 -7.81
N GLU A 271 15.65 4.88 -9.07
CA GLU A 271 14.36 4.27 -9.39
C GLU A 271 14.40 2.78 -9.10
N LEU A 272 13.29 2.26 -8.57
CA LEU A 272 13.23 0.85 -8.18
C LEU A 272 13.44 -0.06 -9.38
N GLU A 273 14.25 -1.11 -9.17
CA GLU A 273 14.54 -2.11 -10.19
C GLU A 273 13.41 -3.15 -10.29
N LEU A 274 12.18 -2.67 -10.56
CA LEU A 274 11.03 -3.57 -10.54
C LEU A 274 11.09 -4.60 -11.66
N VAL A 275 11.35 -4.16 -12.88
CA VAL A 275 11.39 -5.10 -13.99
C VAL A 275 12.60 -6.01 -13.88
N ALA A 276 13.77 -5.46 -13.50
CA ALA A 276 14.97 -6.29 -13.47
C ALA A 276 14.88 -7.36 -12.39
N ALA A 277 14.23 -7.06 -11.27
CA ALA A 277 14.16 -7.99 -10.16
C ALA A 277 12.85 -8.74 -10.11
N GLN A 278 12.10 -8.78 -11.21
CA GLN A 278 10.73 -9.26 -11.13
C GLN A 278 10.63 -10.73 -10.70
N SER A 279 11.61 -11.56 -11.06
CA SER A 279 11.57 -12.96 -10.66
CA SER A 279 11.51 -12.96 -10.67
CA SER A 279 11.59 -12.97 -10.66
C SER A 279 11.50 -13.10 -9.15
N GLU A 280 12.15 -12.17 -8.44
CA GLU A 280 12.20 -12.21 -6.99
CA GLU A 280 12.19 -12.24 -7.00
C GLU A 280 11.04 -11.51 -6.32
N ILE A 281 10.21 -10.78 -7.08
CA ILE A 281 8.92 -10.38 -6.55
C ILE A 281 8.04 -11.60 -6.39
N ALA A 282 8.04 -12.46 -7.42
CA ALA A 282 7.20 -13.65 -7.38
C ALA A 282 7.79 -14.73 -6.48
N GLN A 283 9.12 -14.95 -6.55
CA GLN A 283 9.80 -15.99 -5.78
C GLN A 283 11.07 -15.38 -5.18
N PRO A 284 10.94 -14.67 -4.06
CA PRO A 284 12.13 -14.11 -3.40
C PRO A 284 13.12 -15.20 -3.01
N ARG A 285 14.41 -14.91 -3.21
CA ARG A 285 15.45 -15.88 -2.86
C ARG A 285 15.82 -15.80 -1.39
N GLU A 286 15.90 -14.60 -0.84
CA GLU A 286 16.26 -14.38 0.55
C GLU A 286 14.96 -14.17 1.32
N TRP A 287 14.76 -14.95 2.39
CA TRP A 287 13.53 -14.93 3.17
C TRP A 287 13.82 -14.51 4.60
N PHE A 288 12.85 -13.82 5.21
CA PHE A 288 12.99 -13.36 6.60
C PHE A 288 11.79 -13.84 7.40
N ASP A 289 12.05 -14.63 8.43
CA ASP A 289 10.97 -15.19 9.23
C ASP A 289 10.41 -14.11 10.16
N ALA A 290 9.10 -13.98 10.18
CA ALA A 290 8.43 -13.12 11.16
C ALA A 290 8.47 -13.75 12.55
N TRP A 291 8.22 -12.92 13.56
CA TRP A 291 8.10 -13.41 14.93
C TRP A 291 6.90 -12.77 15.61
N VAL A 292 6.42 -13.41 16.67
CA VAL A 292 5.19 -12.98 17.33
C VAL A 292 5.42 -11.63 18.00
N GLY A 293 4.58 -10.66 17.67
CA GLY A 293 4.72 -9.31 18.18
C GLY A 293 3.88 -8.97 19.39
N ASP A 294 3.06 -9.90 19.88
CA ASP A 294 2.31 -9.53 21.08
CA ASP A 294 2.15 -9.78 21.02
C ASP A 294 2.78 -10.32 22.29
N NO3 B . 15.72 0.66 2.39
O1 NO3 B . 16.38 1.73 2.19
O2 NO3 B . 16.33 -0.44 2.60
O3 NO3 B . 14.46 0.66 2.35
N NO3 C . 21.83 6.94 -5.64
O1 NO3 C . 20.76 6.73 -5.00
O2 NO3 C . 21.82 6.88 -6.90
O3 NO3 C . 22.90 7.20 -5.02
C3' NHE D . -7.85 -7.27 4.25
C2' NHE D . -8.10 -8.63 3.62
C1' NHE D . -8.72 -9.59 4.63
C6' NHE D . -10.00 -9.01 5.20
N NHE D . -9.00 -10.93 4.06
C1 NHE D . -9.39 -10.97 2.65
C2 NHE D . -8.94 -12.30 2.06
S NHE D . -9.65 -12.58 0.54
O1 NHE D . -9.58 -13.99 0.23
O2 NHE D . -11.02 -12.18 0.91
O3 NHE D . -9.09 -11.69 -0.44
C5' NHE D . -9.74 -7.65 5.83
C4' NHE D . -9.12 -6.69 4.83
S SO4 E . -6.01 15.54 12.52
O1 SO4 E . -7.31 15.18 11.97
O2 SO4 E . -4.96 15.27 11.54
O3 SO4 E . -5.76 14.76 13.75
O4 SO4 E . -6.03 16.96 12.88
CL CL F . 2.19 -3.53 -15.91
CL CL G . 7.80 6.57 9.05
C1 EDO H . 0.52 -15.33 16.55
O1 EDO H . -0.86 -15.68 16.54
C2 EDO H . 0.69 -13.82 16.38
O2 EDO H . -0.10 -13.16 17.37
C1 EDO I . 5.66 -18.57 4.05
O1 EDO I . 5.28 -17.75 5.16
C2 EDO I . 4.81 -18.30 2.81
O2 EDO I . 4.90 -16.92 2.42
C1 EDO J . 6.44 21.77 -10.64
O1 EDO J . 7.22 21.29 -11.75
C2 EDO J . 4.99 21.36 -10.79
O2 EDO J . 4.46 21.78 -12.06
C1 EDO K . -20.23 10.85 -10.91
O1 EDO K . -21.19 9.99 -11.53
C2 EDO K . -20.84 11.48 -9.66
O2 EDO K . -21.44 10.46 -8.86
#